data_4E0C
#
_entry.id   4E0C
#
_cell.length_a   54.761
_cell.length_b   87.019
_cell.length_c   140.688
_cell.angle_alpha   90.00
_cell.angle_beta   90.00
_cell.angle_gamma   90.00
#
_symmetry.space_group_name_H-M   'P 21 21 21'
#
loop_
_entity.id
_entity.type
_entity.pdbx_description
1 polymer Transaldolase
2 non-polymer 'MAGNESIUM ION'
3 non-polymer 'ACETATE ION'
4 water water
#
_entity_poly.entity_id   1
_entity_poly.type   'polypeptide(L)'
_entity_poly.pdbx_seq_one_letter_code
;MHHHHHHSSGVDLGTENLYFQSNAMQKSVLEQLKQVTMVVADTGDFELIKKYKPVDATTNPSLILKAVKEQKYSNLVAET
ISKVKANNPDLNSDDLVKEIAIEILVSFGIKILDVIEGKVSSEVDARVSFNSATTIDYAKRIIARYESNGIPKDRVLIKI
AATWEGIKAAKLLQKEGINCNLTLIFDKAQAKACAEAGVYLVSPFVGRITDWQMQQNNLKTFPAIADDDGVNSVKAIYKL
YKSHGFKTIVMGASFRNVEQVIALAGCDALTISPVLLEELKNRDEHLEVKLTKNDDVVTQSPQISEADFRWLMNENAMAT
HKLAEGIRLFTKDTIELENIIKQNL
;
_entity_poly.pdbx_strand_id   A,B
#
loop_
_chem_comp.id
_chem_comp.type
_chem_comp.name
_chem_comp.formula
ACT non-polymer 'ACETATE ION' 'C2 H3 O2 -1'
MG non-polymer 'MAGNESIUM ION' 'Mg 2'
#
# COMPACT_ATOMS: atom_id res chain seq x y z
N MET A 25 42.94 -16.59 -20.33
CA MET A 25 42.81 -17.96 -19.75
C MET A 25 41.47 -18.14 -19.05
N GLN A 26 41.20 -19.38 -18.61
CA GLN A 26 39.89 -19.74 -17.97
C GLN A 26 39.74 -19.08 -16.60
N LYS A 27 38.54 -18.58 -16.31
CA LYS A 27 38.27 -17.83 -15.13
C LYS A 27 37.09 -18.36 -14.37
N SER A 28 37.00 -18.02 -13.09
CA SER A 28 35.84 -18.48 -12.33
C SER A 28 34.58 -17.75 -12.85
N VAL A 29 33.44 -18.29 -12.46
CA VAL A 29 32.19 -17.63 -12.80
C VAL A 29 32.16 -16.22 -12.29
N LEU A 30 32.73 -15.98 -11.08
CA LEU A 30 32.72 -14.59 -10.53
C LEU A 30 33.53 -13.66 -11.48
N GLU A 31 34.71 -14.11 -11.93
CA GLU A 31 35.59 -13.25 -12.74
C GLU A 31 34.98 -13.06 -14.14
N GLN A 32 34.28 -14.09 -14.58
CA GLN A 32 33.58 -14.01 -15.90
C GLN A 32 32.41 -13.05 -15.80
N LEU A 33 31.66 -13.12 -14.68
CA LEU A 33 30.56 -12.21 -14.48
C LEU A 33 31.00 -10.71 -14.51
N LYS A 34 32.15 -10.40 -13.89
CA LYS A 34 32.67 -9.03 -13.86
C LYS A 34 32.86 -8.45 -15.26
N GLN A 35 33.19 -9.31 -16.23
CA GLN A 35 33.35 -8.88 -17.64
C GLN A 35 32.06 -8.45 -18.35
N VAL A 36 30.89 -8.89 -17.89
CA VAL A 36 29.64 -8.56 -18.63
C VAL A 36 28.63 -7.78 -17.77
N THR A 37 28.93 -7.69 -16.48
CA THR A 37 28.06 -7.03 -15.52
C THR A 37 28.90 -6.33 -14.43
N MET A 38 28.37 -5.20 -13.91
CA MET A 38 29.07 -4.53 -12.81
C MET A 38 28.71 -5.34 -11.58
N VAL A 39 29.72 -5.96 -10.96
CA VAL A 39 29.50 -6.81 -9.77
C VAL A 39 29.64 -5.92 -8.55
N VAL A 40 28.62 -6.02 -7.69
CA VAL A 40 28.47 -5.18 -6.54
C VAL A 40 28.29 -6.09 -5.32
N ALA A 41 28.95 -5.71 -4.21
CA ALA A 41 28.84 -6.54 -2.99
C ALA A 41 27.82 -5.94 -2.08
N ASP A 42 26.95 -6.82 -1.55
CA ASP A 42 25.83 -6.41 -0.72
C ASP A 42 26.20 -6.76 0.71
N THR A 43 26.91 -5.83 1.38
CA THR A 43 27.33 -6.11 2.75
C THR A 43 27.84 -4.86 3.43
N GLY A 44 27.76 -4.82 4.75
CA GLY A 44 28.46 -3.71 5.46
C GLY A 44 29.88 -4.19 5.93
N ASP A 45 30.30 -5.38 5.55
CA ASP A 45 31.61 -5.94 6.09
C ASP A 45 32.69 -5.62 5.10
N PHE A 46 33.48 -4.55 5.36
CA PHE A 46 34.50 -4.15 4.39
C PHE A 46 35.60 -5.20 4.20
N GLU A 47 35.91 -6.04 5.22
CA GLU A 47 36.97 -7.08 5.06
C GLU A 47 36.61 -8.14 4.02
N LEU A 48 35.33 -8.48 4.00
CA LEU A 48 34.84 -9.47 3.01
C LEU A 48 34.81 -8.88 1.64
N ILE A 49 34.47 -7.61 1.57
CA ILE A 49 34.40 -6.93 0.29
C ILE A 49 35.74 -6.99 -0.39
N LYS A 50 36.76 -6.75 0.40
CA LYS A 50 38.10 -6.72 -0.10
C LYS A 50 38.47 -7.95 -0.89
N LYS A 51 38.02 -9.15 -0.51
CA LYS A 51 38.47 -10.26 -1.26
C LYS A 51 37.65 -10.68 -2.48
N TYR A 52 36.53 -10.03 -2.73
CA TYR A 52 35.82 -10.36 -3.95
C TYR A 52 36.10 -9.29 -5.00
N LYS A 53 36.64 -8.15 -4.55
CA LYS A 53 36.95 -7.02 -5.45
C LYS A 53 35.76 -6.62 -6.30
N PRO A 54 34.63 -6.31 -5.66
CA PRO A 54 33.49 -5.77 -6.49
C PRO A 54 33.83 -4.32 -6.95
N VAL A 55 33.08 -3.78 -7.92
CA VAL A 55 33.28 -2.41 -8.35
C VAL A 55 32.64 -1.45 -7.29
N ASP A 56 31.34 -1.69 -6.97
CA ASP A 56 30.62 -0.87 -5.97
C ASP A 56 30.21 -1.81 -4.81
N ALA A 57 29.60 -1.25 -3.80
CA ALA A 57 29.06 -2.03 -2.68
C ALA A 57 27.73 -1.39 -2.23
N THR A 58 26.83 -2.16 -1.63
CA THR A 58 25.59 -1.55 -1.12
C THR A 58 25.43 -1.91 0.33
N THR A 59 24.90 -0.97 1.11
CA THR A 59 24.61 -1.18 2.54
C THR A 59 23.11 -0.85 2.71
N ASN A 60 22.53 -1.23 3.83
CA ASN A 60 21.14 -0.87 4.08
C ASN A 60 21.04 -0.95 5.61
N PRO A 61 19.91 -0.58 6.22
CA PRO A 61 19.93 -0.50 7.67
C PRO A 61 20.03 -1.85 8.33
N SER A 62 19.61 -2.87 7.60
CA SER A 62 19.64 -4.21 8.17
C SER A 62 21.10 -4.67 8.22
N LEU A 63 21.82 -4.45 7.14
CA LEU A 63 23.24 -4.85 7.11
C LEU A 63 24.14 -4.01 8.10
N ILE A 64 23.78 -2.75 8.28
CA ILE A 64 24.55 -1.88 9.20
C ILE A 64 24.31 -2.38 10.64
N LEU A 65 23.03 -2.69 10.96
CA LEU A 65 22.73 -3.20 12.32
C LEU A 65 23.53 -4.47 12.55
N LYS A 66 23.56 -5.36 11.58
CA LYS A 66 24.28 -6.66 11.81
C LYS A 66 25.74 -6.38 12.08
N ALA A 67 26.33 -5.52 11.26
CA ALA A 67 27.75 -5.16 11.45
C ALA A 67 28.01 -4.55 12.82
N VAL A 68 27.14 -3.63 13.22
CA VAL A 68 27.30 -2.90 14.47
C VAL A 68 27.32 -3.85 15.66
N LYS A 69 26.48 -4.90 15.58
CA LYS A 69 26.43 -5.89 16.65
C LYS A 69 27.60 -6.87 16.73
N GLU A 70 28.42 -6.92 15.69
CA GLU A 70 29.55 -7.84 15.65
C GLU A 70 30.72 -7.43 16.60
N GLN A 71 31.39 -8.40 17.23
CA GLN A 71 32.39 -8.09 18.26
C GLN A 71 33.46 -7.00 17.96
N LYS A 72 33.94 -6.96 16.71
CA LYS A 72 34.93 -5.96 16.20
C LYS A 72 34.48 -4.51 16.48
N TYR A 73 33.17 -4.26 16.38
CA TYR A 73 32.62 -2.95 16.56
C TYR A 73 32.04 -2.66 17.97
N SER A 74 32.43 -3.43 18.98
CA SER A 74 31.88 -3.20 20.32
C SER A 74 32.06 -1.76 20.91
N ASN A 75 33.00 -0.96 20.40
CA ASN A 75 33.23 0.42 20.95
C ASN A 75 32.85 1.52 19.94
N LEU A 76 32.41 1.09 18.76
CA LEU A 76 32.05 1.99 17.68
C LEU A 76 31.00 3.03 18.07
N VAL A 77 29.92 2.57 18.72
CA VAL A 77 28.85 3.48 19.15
C VAL A 77 29.37 4.51 20.17
N ALA A 78 30.02 4.04 21.26
CA ALA A 78 30.56 4.97 22.25
C ALA A 78 31.51 6.01 21.60
N GLU A 79 32.38 5.56 20.68
CA GLU A 79 33.30 6.51 19.99
C GLU A 79 32.56 7.55 19.17
N THR A 80 31.56 7.07 18.43
CA THR A 80 30.79 7.93 17.60
C THR A 80 30.03 8.93 18.50
N ILE A 81 29.49 8.44 19.60
CA ILE A 81 28.78 9.35 20.55
C ILE A 81 29.76 10.43 20.98
N SER A 82 30.92 10.01 21.47
CA SER A 82 31.96 10.93 21.91
C SER A 82 32.19 12.05 20.94
N LYS A 83 32.58 11.65 19.74
CA LYS A 83 32.91 12.55 18.66
C LYS A 83 31.73 13.46 18.28
N VAL A 84 30.54 12.86 18.16
CA VAL A 84 29.35 13.61 17.79
C VAL A 84 28.90 14.60 18.89
N LYS A 85 28.90 14.16 20.16
CA LYS A 85 28.61 15.09 21.27
C LYS A 85 29.53 16.29 21.18
N ALA A 86 30.84 16.01 21.16
CA ALA A 86 31.87 17.04 21.09
C ALA A 86 31.51 18.07 20.01
N ASN A 87 31.29 17.63 18.78
CA ASN A 87 30.98 18.54 17.66
C ASN A 87 29.58 19.19 17.62
N ASN A 88 28.70 18.85 18.56
CA ASN A 88 27.32 19.39 18.63
C ASN A 88 26.84 19.39 20.07
N PRO A 89 27.56 20.05 20.98
CA PRO A 89 27.18 19.98 22.40
C PRO A 89 25.80 20.58 22.71
N ASP A 90 25.26 21.37 21.78
CA ASP A 90 23.98 22.06 22.00
C ASP A 90 22.68 21.40 21.55
N LEU A 91 22.77 20.24 20.92
CA LEU A 91 21.58 19.51 20.43
C LEU A 91 20.78 18.74 21.50
N ASN A 92 19.45 18.69 21.35
CA ASN A 92 18.67 17.94 22.34
C ASN A 92 18.91 16.44 22.09
N SER A 93 18.50 15.59 23.03
CA SER A 93 18.69 14.14 22.86
C SER A 93 18.23 13.57 21.49
N ASP A 94 17.01 13.90 21.05
CA ASP A 94 16.53 13.42 19.73
C ASP A 94 17.51 13.82 18.61
N ASP A 95 17.85 15.10 18.56
CA ASP A 95 18.75 15.64 17.50
C ASP A 95 20.08 14.94 17.50
N LEU A 96 20.62 14.73 18.69
CA LEU A 96 21.88 14.04 18.84
C LEU A 96 21.85 12.64 18.28
N VAL A 97 20.89 11.82 18.77
CA VAL A 97 20.75 10.39 18.33
C VAL A 97 20.74 10.29 16.83
N LYS A 98 20.05 11.25 16.21
CA LYS A 98 19.94 11.32 14.76
C LYS A 98 21.32 11.55 14.12
N GLU A 99 22.08 12.48 14.68
CA GLU A 99 23.41 12.74 14.16
C GLU A 99 24.33 11.54 14.36
N ILE A 100 24.19 10.82 15.46
CA ILE A 100 25.02 9.66 15.68
C ILE A 100 24.66 8.57 14.65
N ALA A 101 23.35 8.43 14.39
CA ALA A 101 22.93 7.40 13.42
C ALA A 101 23.52 7.66 12.02
N ILE A 102 23.47 8.91 11.57
CA ILE A 102 24.08 9.22 10.24
C ILE A 102 25.59 8.93 10.31
N GLU A 103 26.21 9.36 11.41
CA GLU A 103 27.64 9.17 11.53
C GLU A 103 28.01 7.68 11.42
N ILE A 104 27.19 6.82 12.03
CA ILE A 104 27.46 5.36 11.95
C ILE A 104 27.31 4.78 10.53
N LEU A 105 26.21 5.15 9.87
CA LEU A 105 25.95 4.71 8.49
C LEU A 105 27.07 5.17 7.59
N VAL A 106 27.49 6.42 7.75
CA VAL A 106 28.55 6.95 6.90
C VAL A 106 29.90 6.28 7.25
N SER A 107 30.17 6.06 8.53
CA SER A 107 31.44 5.41 8.89
CA SER A 107 31.44 5.41 8.92
C SER A 107 31.65 4.08 8.19
N PHE A 108 30.60 3.27 8.09
CA PHE A 108 30.71 1.97 7.42
C PHE A 108 30.91 2.21 5.96
N GLY A 109 30.20 3.20 5.41
CA GLY A 109 30.39 3.54 3.93
C GLY A 109 31.83 3.96 3.63
N ILE A 110 32.42 4.77 4.52
CA ILE A 110 33.79 5.22 4.30
C ILE A 110 34.73 4.06 4.33
N LYS A 111 34.55 3.15 5.31
CA LYS A 111 35.49 2.02 5.37
C LYS A 111 35.42 1.15 4.12
N ILE A 112 34.25 1.05 3.55
CA ILE A 112 34.03 0.29 2.31
C ILE A 112 34.70 1.02 1.16
N LEU A 113 34.50 2.33 1.10
CA LEU A 113 35.12 3.10 -0.01
C LEU A 113 36.66 2.98 0.02
N ASP A 114 37.26 2.83 1.22
CA ASP A 114 38.69 2.66 1.28
C ASP A 114 39.16 1.40 0.54
N VAL A 115 38.28 0.42 0.35
CA VAL A 115 38.72 -0.84 -0.23
C VAL A 115 38.16 -1.15 -1.62
N ILE A 116 37.37 -0.24 -2.20
CA ILE A 116 36.86 -0.46 -3.56
C ILE A 116 37.13 0.74 -4.42
N GLU A 117 37.06 0.56 -5.74
CA GLU A 117 37.32 1.67 -6.66
C GLU A 117 36.05 2.53 -6.91
N GLY A 118 34.90 1.90 -6.76
CA GLY A 118 33.60 2.49 -7.11
C GLY A 118 32.86 3.20 -5.98
N LYS A 119 31.57 3.01 -6.00
CA LYS A 119 30.66 3.75 -5.15
C LYS A 119 30.09 2.92 -4.03
N VAL A 120 29.59 3.58 -2.99
CA VAL A 120 28.88 2.83 -1.93
C VAL A 120 27.47 3.41 -1.83
N SER A 121 26.48 2.56 -1.55
CA SER A 121 25.10 3.03 -1.40
C SER A 121 24.84 3.11 0.10
N SER A 122 24.31 4.24 0.54
CA SER A 122 23.99 4.48 1.97
C SER A 122 22.51 4.91 1.96
N GLU A 123 21.73 4.29 2.83
CA GLU A 123 20.30 4.46 2.80
C GLU A 123 19.79 5.52 3.73
N VAL A 124 18.84 6.31 3.24
CA VAL A 124 18.16 7.33 4.13
C VAL A 124 17.33 6.59 5.20
N ASP A 125 17.02 7.26 6.31
CA ASP A 125 16.22 6.65 7.36
C ASP A 125 14.88 6.23 6.74
N ALA A 126 14.54 4.93 6.81
CA ALA A 126 13.32 4.43 6.17
C ALA A 126 12.05 5.15 6.66
N ARG A 127 12.12 5.73 7.87
CA ARG A 127 10.97 6.46 8.43
C ARG A 127 10.55 7.71 7.62
N VAL A 128 11.40 8.19 6.72
CA VAL A 128 11.03 9.36 5.89
C VAL A 128 10.55 8.92 4.50
N SER A 129 10.22 7.62 4.36
CA SER A 129 9.95 7.08 3.01
C SER A 129 8.69 7.68 2.32
N PHE A 130 7.77 8.30 3.07
CA PHE A 130 6.57 8.91 2.46
C PHE A 130 6.67 10.43 2.50
N ASN A 131 7.90 10.94 2.67
CA ASN A 131 8.00 12.43 2.79
C ASN A 131 9.15 12.86 1.86
N SER A 132 8.79 13.40 0.69
CA SER A 132 9.89 13.77 -0.25
C SER A 132 10.81 14.81 0.34
N ALA A 133 10.25 15.83 0.99
CA ALA A 133 11.12 16.94 1.47
C ALA A 133 12.13 16.43 2.58
N THR A 134 11.64 15.62 3.51
CA THR A 134 12.53 15.12 4.58
C THR A 134 13.49 14.04 4.01
N THR A 135 13.09 13.36 2.93
CA THR A 135 14.01 12.41 2.25
C THR A 135 15.16 13.25 1.64
N ILE A 136 14.80 14.32 0.93
CA ILE A 136 15.83 15.20 0.35
C ILE A 136 16.77 15.73 1.44
N ASP A 137 16.22 16.17 2.57
CA ASP A 137 17.05 16.73 3.62
C ASP A 137 17.99 15.67 4.16
N TYR A 138 17.47 14.46 4.38
CA TYR A 138 18.32 13.38 4.90
C TYR A 138 19.42 13.03 3.92
N ALA A 139 19.06 12.95 2.61
CA ALA A 139 20.02 12.61 1.57
C ALA A 139 21.18 13.65 1.55
N LYS A 140 20.84 14.95 1.59
CA LYS A 140 21.86 15.97 1.67
C LYS A 140 22.69 15.87 2.94
N ARG A 141 22.09 15.49 4.07
CA ARG A 141 22.87 15.35 5.31
C ARG A 141 23.91 14.24 5.14
N ILE A 142 23.50 13.11 4.53
CA ILE A 142 24.44 12.02 4.24
C ILE A 142 25.59 12.51 3.35
N ILE A 143 25.25 13.20 2.26
CA ILE A 143 26.27 13.72 1.34
C ILE A 143 27.24 14.66 2.12
N ALA A 144 26.66 15.51 2.96
CA ALA A 144 27.49 16.46 3.71
C ALA A 144 28.46 15.76 4.62
N ARG A 145 28.01 14.68 5.28
CA ARG A 145 28.85 13.94 6.21
C ARG A 145 30.01 13.25 5.43
N TYR A 146 29.71 12.68 4.27
CA TYR A 146 30.81 12.19 3.46
C TYR A 146 31.76 13.30 3.06
N GLU A 147 31.20 14.45 2.64
CA GLU A 147 32.05 15.55 2.17
C GLU A 147 32.98 16.03 3.32
N SER A 148 32.46 16.06 4.55
CA SER A 148 33.27 16.46 5.72
CA SER A 148 33.27 16.49 5.71
C SER A 148 34.49 15.58 5.95
N ASN A 149 34.44 14.38 5.36
CA ASN A 149 35.48 13.42 5.47
C ASN A 149 36.34 13.39 4.19
N GLY A 150 36.09 14.31 3.24
CA GLY A 150 36.91 14.33 2.01
C GLY A 150 36.38 13.43 0.91
N ILE A 151 35.22 12.80 1.10
CA ILE A 151 34.61 11.88 0.07
CA ILE A 151 34.66 11.93 0.05
C ILE A 151 33.64 12.73 -0.77
N PRO A 152 33.85 12.79 -2.12
CA PRO A 152 32.99 13.62 -2.92
C PRO A 152 31.71 12.84 -3.25
N LYS A 153 30.67 13.56 -3.62
CA LYS A 153 29.39 12.91 -3.85
C LYS A 153 29.43 11.88 -5.01
N ASP A 154 30.38 11.99 -5.94
N ASP A 154 30.37 11.99 -5.94
CA ASP A 154 30.45 10.99 -7.05
CA ASP A 154 30.43 10.99 -7.03
C ASP A 154 30.85 9.59 -6.60
C ASP A 154 30.58 9.56 -6.49
N ARG A 155 31.23 9.42 -5.33
CA ARG A 155 31.48 8.07 -4.81
C ARG A 155 30.28 7.47 -4.01
N VAL A 156 29.17 8.19 -3.89
CA VAL A 156 28.09 7.75 -3.01
C VAL A 156 26.75 7.69 -3.81
N LEU A 157 25.96 6.63 -3.57
CA LEU A 157 24.62 6.53 -4.10
C LEU A 157 23.73 6.65 -2.84
N ILE A 158 22.76 7.54 -2.86
CA ILE A 158 21.84 7.61 -1.72
C ILE A 158 20.70 6.64 -2.03
N LYS A 159 20.50 5.68 -1.10
CA LYS A 159 19.44 4.66 -1.27
C LYS A 159 18.14 5.17 -0.73
N ILE A 160 17.10 5.13 -1.59
CA ILE A 160 15.75 5.65 -1.23
C ILE A 160 14.71 4.56 -1.62
N ALA A 161 13.78 4.25 -0.68
CA ALA A 161 12.71 3.28 -1.01
C ALA A 161 11.89 3.85 -2.18
N ALA A 162 11.58 3.03 -3.20
CA ALA A 162 10.89 3.51 -4.39
C ALA A 162 9.38 3.64 -4.23
N THR A 163 8.97 4.38 -3.18
CA THR A 163 7.59 4.81 -3.07
C THR A 163 7.50 6.02 -4.05
N TRP A 164 6.28 6.50 -4.29
CA TRP A 164 6.14 7.65 -5.17
C TRP A 164 6.92 8.82 -4.59
N GLU A 165 6.88 9.01 -3.27
CA GLU A 165 7.54 10.18 -2.67
C GLU A 165 9.09 10.04 -2.76
N GLY A 166 9.59 8.80 -2.68
CA GLY A 166 11.04 8.49 -2.82
C GLY A 166 11.46 8.87 -4.25
N ILE A 167 10.64 8.53 -5.26
CA ILE A 167 10.98 8.83 -6.66
C ILE A 167 10.96 10.37 -6.88
N LYS A 168 9.97 11.06 -6.29
CA LYS A 168 9.95 12.53 -6.36
C LYS A 168 11.20 13.15 -5.73
N ALA A 169 11.60 12.62 -4.58
CA ALA A 169 12.82 13.19 -3.87
C ALA A 169 14.03 12.93 -4.79
N ALA A 170 14.14 11.69 -5.31
CA ALA A 170 15.27 11.35 -6.18
C ALA A 170 15.28 12.24 -7.40
N LYS A 171 14.11 12.51 -7.97
CA LYS A 171 14.07 13.34 -9.17
C LYS A 171 14.78 14.69 -8.89
N LEU A 172 14.50 15.26 -7.72
CA LEU A 172 15.09 16.54 -7.33
CA LEU A 172 15.08 16.56 -7.31
C LEU A 172 16.57 16.41 -6.95
N LEU A 173 16.93 15.34 -6.23
CA LEU A 173 18.33 15.13 -5.88
C LEU A 173 19.16 14.97 -7.15
N GLN A 174 18.67 14.21 -8.14
CA GLN A 174 19.47 14.05 -9.37
C GLN A 174 19.70 15.36 -10.03
N LYS A 175 18.71 16.27 -9.92
CA LYS A 175 18.86 17.59 -10.57
C LYS A 175 20.06 18.34 -9.97
N GLU A 176 20.36 18.11 -8.70
CA GLU A 176 21.54 18.67 -8.00
C GLU A 176 22.77 17.81 -8.09
N GLY A 177 22.76 16.85 -9.01
CA GLY A 177 23.96 16.00 -9.14
C GLY A 177 24.21 14.99 -8.02
N ILE A 178 23.18 14.63 -7.28
CA ILE A 178 23.29 13.59 -6.23
C ILE A 178 22.65 12.33 -6.79
N ASN A 179 23.47 11.31 -7.01
CA ASN A 179 22.99 10.05 -7.61
C ASN A 179 22.29 9.17 -6.58
N CYS A 180 21.18 8.60 -7.00
CA CYS A 180 20.35 7.80 -6.08
C CYS A 180 20.21 6.35 -6.57
N ASN A 181 20.06 5.46 -5.60
CA ASN A 181 19.79 4.03 -5.81
C ASN A 181 18.37 3.80 -5.29
N LEU A 182 17.44 3.55 -6.23
CA LEU A 182 15.99 3.40 -5.89
C LEU A 182 15.75 1.96 -5.56
N THR A 183 15.54 1.72 -4.29
CA THR A 183 15.55 0.34 -3.78
C THR A 183 14.12 -0.16 -3.58
N LEU A 184 13.96 -1.45 -3.21
CA LEU A 184 12.63 -2.07 -3.00
C LEU A 184 11.73 -1.92 -4.25
N ILE A 185 12.33 -2.21 -5.41
CA ILE A 185 11.63 -2.23 -6.70
C ILE A 185 10.99 -3.59 -6.88
N PHE A 186 9.68 -3.60 -7.07
CA PHE A 186 8.91 -4.84 -7.20
C PHE A 186 8.05 -4.87 -8.42
N ASP A 187 7.89 -3.73 -9.09
CA ASP A 187 6.97 -3.70 -10.24
C ASP A 187 7.60 -2.88 -11.38
N LYS A 188 7.27 -3.23 -12.63
CA LYS A 188 7.87 -2.57 -13.77
C LYS A 188 7.44 -1.12 -13.85
N ALA A 189 6.28 -0.78 -13.31
CA ALA A 189 5.83 0.59 -13.23
C ALA A 189 6.63 1.42 -12.30
N GLN A 190 7.03 0.92 -11.11
CA GLN A 190 7.98 1.67 -10.33
C GLN A 190 9.20 1.90 -11.09
N ALA A 191 9.77 0.82 -11.70
CA ALA A 191 11.02 0.99 -12.42
C ALA A 191 10.90 2.05 -13.54
N LYS A 192 9.80 2.01 -14.28
CA LYS A 192 9.55 2.99 -15.35
C LYS A 192 9.47 4.40 -14.80
N ALA A 193 8.77 4.60 -13.66
CA ALA A 193 8.71 5.89 -13.09
C ALA A 193 10.10 6.38 -12.66
N CYS A 194 10.92 5.47 -12.11
CA CYS A 194 12.26 5.83 -11.68
C CYS A 194 13.08 6.30 -12.85
N ALA A 195 12.97 5.58 -13.96
CA ALA A 195 13.72 5.94 -15.19
C ALA A 195 13.27 7.28 -15.72
N GLU A 196 11.95 7.49 -15.68
CA GLU A 196 11.38 8.77 -16.16
C GLU A 196 11.84 9.96 -15.34
N ALA A 197 12.17 9.72 -14.06
CA ALA A 197 12.69 10.70 -13.15
C ALA A 197 14.21 10.86 -13.29
N GLY A 198 14.83 10.10 -14.19
CA GLY A 198 16.31 10.22 -14.45
C GLY A 198 17.18 9.73 -13.29
N VAL A 199 16.67 8.78 -12.55
CA VAL A 199 17.48 8.30 -11.43
C VAL A 199 18.70 7.48 -11.92
N TYR A 200 19.75 7.48 -11.13
CA TYR A 200 20.98 6.81 -11.55
C TYR A 200 20.86 5.30 -11.64
N LEU A 201 20.17 4.71 -10.64
CA LEU A 201 20.13 3.24 -10.57
C LEU A 201 18.89 2.76 -9.83
N VAL A 202 18.36 1.61 -10.26
CA VAL A 202 17.19 0.94 -9.57
C VAL A 202 17.63 -0.47 -9.13
N SER A 203 17.06 -0.93 -8.04
CA SER A 203 17.44 -2.25 -7.52
C SER A 203 16.16 -3.10 -7.35
N PRO A 204 15.81 -3.91 -8.37
CA PRO A 204 14.68 -4.90 -8.22
C PRO A 204 15.09 -6.04 -7.22
N PHE A 205 14.23 -6.35 -6.27
CA PHE A 205 14.54 -7.39 -5.21
C PHE A 205 14.09 -8.77 -5.66
N VAL A 206 14.92 -9.40 -6.52
CA VAL A 206 14.65 -10.69 -7.14
C VAL A 206 14.16 -11.74 -6.16
N GLY A 207 14.92 -11.99 -5.11
CA GLY A 207 14.59 -13.06 -4.15
C GLY A 207 13.25 -12.86 -3.52
N ARG A 208 12.92 -11.62 -3.26
CA ARG A 208 11.69 -11.38 -2.51
C ARG A 208 10.48 -11.62 -3.42
N ILE A 209 10.62 -11.32 -4.71
CA ILE A 209 9.55 -11.57 -5.67
C ILE A 209 9.34 -13.08 -5.80
N THR A 210 10.42 -13.86 -5.89
CA THR A 210 10.31 -15.32 -5.92
C THR A 210 9.70 -15.85 -4.62
N ASP A 211 10.08 -15.27 -3.49
CA ASP A 211 9.45 -15.66 -2.20
C ASP A 211 7.92 -15.59 -2.28
N TRP A 212 7.37 -14.47 -2.74
CA TRP A 212 5.92 -14.34 -2.91
C TRP A 212 5.41 -15.43 -3.82
N GLN A 213 6.09 -15.64 -4.99
CA GLN A 213 5.60 -16.65 -5.92
C GLN A 213 5.49 -18.02 -5.25
N MET A 214 6.51 -18.39 -4.50
CA MET A 214 6.53 -19.68 -3.79
C MET A 214 5.44 -19.79 -2.73
N GLN A 215 5.17 -18.70 -2.04
CA GLN A 215 4.11 -18.72 -1.02
C GLN A 215 2.72 -18.76 -1.64
N GLN A 216 2.57 -18.10 -2.78
CA GLN A 216 1.28 -18.08 -3.48
C GLN A 216 0.86 -19.45 -3.99
N ASN A 217 1.81 -20.29 -4.37
CA ASN A 217 1.49 -21.58 -4.98
C ASN A 217 1.98 -22.76 -4.18
N ASN A 218 2.15 -22.57 -2.87
CA ASN A 218 2.64 -23.62 -1.98
C ASN A 218 3.84 -24.46 -2.50
N LEU A 219 4.66 -23.82 -3.37
CA LEU A 219 5.84 -24.45 -4.00
C LEU A 219 6.88 -24.94 -2.97
N LYS A 220 7.26 -26.21 -3.04
CA LYS A 220 8.27 -26.69 -2.09
C LYS A 220 9.67 -26.43 -2.59
N THR A 221 9.84 -26.40 -3.91
CA THR A 221 11.13 -26.14 -4.48
C THR A 221 11.06 -24.89 -5.36
N PHE A 222 12.21 -24.30 -5.64
CA PHE A 222 12.31 -23.11 -6.48
C PHE A 222 11.81 -23.37 -7.85
N PRO A 223 11.15 -22.37 -8.47
CA PRO A 223 10.64 -22.51 -9.82
C PRO A 223 11.81 -22.63 -10.79
N ALA A 224 11.55 -23.17 -11.97
CA ALA A 224 12.56 -23.18 -13.01
C ALA A 224 12.92 -21.76 -13.28
N ILE A 225 14.19 -21.54 -13.67
CA ILE A 225 14.60 -20.15 -13.94
C ILE A 225 13.63 -19.45 -14.89
N ALA A 226 13.23 -20.17 -15.96
CA ALA A 226 12.32 -19.60 -16.99
C ALA A 226 11.02 -19.10 -16.40
N ASP A 227 10.63 -19.71 -15.29
CA ASP A 227 9.36 -19.41 -14.67
C ASP A 227 9.52 -18.63 -13.36
N ASP A 228 10.74 -18.19 -13.06
CA ASP A 228 11.02 -17.50 -11.76
C ASP A 228 10.62 -16.04 -11.85
N ASP A 229 9.58 -15.63 -11.10
CA ASP A 229 9.04 -14.27 -11.20
C ASP A 229 10.07 -13.19 -10.90
N GLY A 230 11.00 -13.48 -10.01
CA GLY A 230 12.01 -12.46 -9.60
C GLY A 230 12.99 -12.25 -10.72
N VAL A 231 13.47 -13.35 -11.29
CA VAL A 231 14.39 -13.27 -12.40
C VAL A 231 13.66 -12.60 -13.59
N ASN A 232 12.46 -13.06 -13.88
CA ASN A 232 11.73 -12.48 -14.99
C ASN A 232 11.45 -11.01 -14.79
N SER A 233 11.29 -10.58 -13.55
CA SER A 233 11.06 -9.16 -13.32
CA SER A 233 11.05 -9.16 -13.32
C SER A 233 12.26 -8.30 -13.78
N VAL A 234 13.46 -8.75 -13.48
CA VAL A 234 14.64 -8.00 -13.84
C VAL A 234 14.77 -8.07 -15.34
N LYS A 235 14.51 -9.25 -15.93
CA LYS A 235 14.59 -9.35 -17.41
C LYS A 235 13.66 -8.35 -18.10
N ALA A 236 12.46 -8.22 -17.54
CA ALA A 236 11.46 -7.32 -18.11
C ALA A 236 11.85 -5.86 -17.99
N ILE A 237 12.39 -5.47 -16.84
CA ILE A 237 12.85 -4.10 -16.58
C ILE A 237 14.04 -3.77 -17.48
N TYR A 238 14.96 -4.73 -17.61
CA TYR A 238 16.14 -4.53 -18.47
C TYR A 238 15.66 -4.30 -19.90
N LYS A 239 14.77 -5.19 -20.40
CA LYS A 239 14.22 -5.06 -21.76
C LYS A 239 13.51 -3.70 -21.97
N LEU A 240 12.68 -3.35 -20.99
CA LEU A 240 11.92 -2.09 -21.08
C LEU A 240 12.92 -0.90 -21.16
N TYR A 241 13.92 -0.89 -20.28
CA TYR A 241 14.89 0.19 -20.28
C TYR A 241 15.63 0.29 -21.61
N LYS A 242 16.09 -0.83 -22.15
CA LYS A 242 16.90 -0.72 -23.35
C LYS A 242 16.04 -0.30 -24.51
N SER A 243 14.81 -0.81 -24.58
CA SER A 243 13.94 -0.45 -25.69
C SER A 243 13.55 1.04 -25.64
N HIS A 244 13.43 1.61 -24.44
CA HIS A 244 13.07 3.01 -24.27
C HIS A 244 14.29 3.90 -24.26
N GLY A 245 15.50 3.37 -24.29
CA GLY A 245 16.67 4.27 -24.30
C GLY A 245 17.03 4.92 -22.93
N PHE A 246 16.41 4.41 -21.85
CA PHE A 246 16.72 4.85 -20.50
C PHE A 246 18.12 4.46 -20.10
N LYS A 247 18.86 5.39 -19.53
CA LYS A 247 20.25 5.13 -19.11
C LYS A 247 20.33 4.63 -17.63
N THR A 248 19.21 4.62 -16.90
CA THR A 248 19.20 4.15 -15.47
C THR A 248 19.77 2.74 -15.42
N ILE A 249 20.66 2.50 -14.45
CA ILE A 249 21.32 1.19 -14.29
C ILE A 249 20.31 0.27 -13.65
N VAL A 250 20.12 -0.94 -14.23
CA VAL A 250 19.28 -1.95 -13.56
C VAL A 250 20.21 -2.82 -12.68
N MET A 251 19.99 -2.87 -11.38
CA MET A 251 20.85 -3.68 -10.53
C MET A 251 20.02 -4.73 -9.73
N GLY A 252 20.03 -5.99 -10.19
CA GLY A 252 19.28 -7.02 -9.46
C GLY A 252 19.89 -7.19 -8.07
N ALA A 253 19.05 -7.40 -7.06
CA ALA A 253 19.52 -7.50 -5.67
C ALA A 253 18.72 -8.59 -4.92
N SER A 254 19.22 -8.97 -3.73
CA SER A 254 18.55 -9.87 -2.78
C SER A 254 18.23 -11.22 -3.35
N PHE A 255 19.29 -11.92 -3.73
CA PHE A 255 19.16 -13.27 -4.35
C PHE A 255 18.97 -14.41 -3.36
N ARG A 256 18.26 -15.47 -3.79
CA ARG A 256 18.07 -16.67 -2.96
C ARG A 256 19.09 -17.73 -3.19
N ASN A 257 19.61 -17.81 -4.43
CA ASN A 257 20.62 -18.73 -4.70
C ASN A 257 21.49 -18.27 -5.86
N VAL A 258 22.56 -18.99 -6.08
CA VAL A 258 23.50 -18.53 -7.09
C VAL A 258 22.92 -18.71 -8.48
N GLU A 259 22.00 -19.66 -8.65
CA GLU A 259 21.40 -19.82 -10.00
C GLU A 259 20.66 -18.57 -10.48
N GLN A 260 19.97 -17.89 -9.57
CA GLN A 260 19.29 -16.67 -9.92
C GLN A 260 20.28 -15.60 -10.35
N VAL A 261 21.48 -15.55 -9.76
CA VAL A 261 22.45 -14.52 -10.16
C VAL A 261 22.94 -14.86 -11.56
N ILE A 262 23.38 -16.10 -11.77
CA ILE A 262 23.93 -16.57 -13.03
C ILE A 262 22.90 -16.34 -14.16
N ALA A 263 21.65 -16.45 -13.82
CA ALA A 263 20.53 -16.28 -14.83
C ALA A 263 20.40 -14.89 -15.39
N LEU A 264 21.06 -13.97 -14.70
CA LEU A 264 21.01 -12.55 -15.06
C LEU A 264 22.35 -11.99 -15.52
N ALA A 265 23.27 -12.87 -15.84
CA ALA A 265 24.58 -12.43 -16.34
C ALA A 265 24.33 -11.54 -17.58
N GLY A 266 25.02 -10.38 -17.64
CA GLY A 266 24.78 -9.46 -18.71
C GLY A 266 23.93 -8.30 -18.21
N CYS A 267 23.25 -8.48 -17.09
CA CYS A 267 22.48 -7.37 -16.49
C CYS A 267 23.47 -6.19 -16.25
N ASP A 268 23.03 -4.92 -16.29
CA ASP A 268 23.94 -3.80 -16.02
C ASP A 268 24.74 -4.02 -14.77
N ALA A 269 24.04 -4.44 -13.69
CA ALA A 269 24.72 -4.61 -12.43
C ALA A 269 23.96 -5.62 -11.63
N LEU A 270 24.65 -6.27 -10.66
CA LEU A 270 24.02 -7.22 -9.73
C LEU A 270 24.72 -7.02 -8.40
N THR A 271 23.96 -6.85 -7.34
CA THR A 271 24.53 -6.71 -6.03
C THR A 271 24.25 -8.00 -5.24
N ILE A 272 25.34 -8.59 -4.76
CA ILE A 272 25.36 -10.01 -4.34
C ILE A 272 25.94 -10.15 -2.92
N SER A 273 25.34 -10.97 -2.09
CA SER A 273 25.82 -11.12 -0.69
C SER A 273 27.22 -11.86 -0.75
N PRO A 274 28.04 -11.70 0.29
CA PRO A 274 29.32 -12.38 0.32
C PRO A 274 29.14 -13.90 0.21
N VAL A 275 28.09 -14.51 0.81
CA VAL A 275 27.95 -15.98 0.69
C VAL A 275 27.83 -16.39 -0.79
N LEU A 276 27.05 -15.63 -1.55
CA LEU A 276 26.88 -15.96 -2.95
C LEU A 276 28.11 -15.60 -3.74
N LEU A 277 28.80 -14.52 -3.38
CA LEU A 277 30.04 -14.18 -4.09
C LEU A 277 31.04 -15.35 -3.93
N GLU A 278 31.09 -15.91 -2.70
CA GLU A 278 32.00 -17.04 -2.46
C GLU A 278 31.64 -18.24 -3.33
N GLU A 279 30.33 -18.49 -3.49
CA GLU A 279 29.91 -19.58 -4.38
C GLU A 279 30.33 -19.29 -5.79
N LEU A 280 30.12 -18.06 -6.27
CA LEU A 280 30.56 -17.74 -7.64
C LEU A 280 32.07 -17.83 -7.85
N LYS A 281 32.83 -17.43 -6.84
CA LYS A 281 34.29 -17.47 -6.88
C LYS A 281 34.82 -18.91 -7.08
N ASN A 282 34.07 -19.87 -6.53
CA ASN A 282 34.45 -21.28 -6.57
C ASN A 282 33.90 -22.14 -7.67
N ARG A 283 33.09 -21.57 -8.53
CA ARG A 283 32.51 -22.28 -9.74
C ARG A 283 33.38 -21.96 -10.93
N ASP A 284 33.59 -22.90 -11.86
CA ASP A 284 34.48 -22.61 -12.99
C ASP A 284 33.95 -22.92 -14.36
N GLU A 285 32.64 -23.12 -14.49
CA GLU A 285 32.10 -23.44 -15.78
C GLU A 285 31.94 -22.16 -16.56
N HIS A 286 31.69 -22.29 -17.86
CA HIS A 286 31.51 -21.09 -18.64
C HIS A 286 30.25 -20.40 -18.20
N LEU A 287 30.30 -19.08 -18.18
CA LEU A 287 29.11 -18.29 -17.84
C LEU A 287 28.44 -17.78 -19.13
N GLU A 288 27.23 -18.22 -19.44
CA GLU A 288 26.62 -17.79 -20.66
C GLU A 288 25.94 -16.47 -20.38
N VAL A 289 26.15 -15.50 -21.26
CA VAL A 289 25.54 -14.14 -21.11
C VAL A 289 24.06 -14.26 -21.45
N LYS A 290 23.17 -13.84 -20.54
CA LYS A 290 21.72 -14.00 -20.73
C LYS A 290 21.03 -12.73 -21.16
N LEU A 291 21.57 -11.59 -20.75
CA LEU A 291 21.00 -10.28 -21.11
CA LEU A 291 21.01 -10.28 -21.10
C LEU A 291 21.99 -9.51 -21.96
N THR A 292 21.54 -9.06 -23.13
CA THR A 292 22.42 -8.26 -23.99
C THR A 292 21.52 -7.10 -24.54
N LYS A 293 22.06 -5.90 -24.75
CA LYS A 293 21.22 -4.78 -25.27
C LYS A 293 20.44 -5.07 -26.57
N PRO A 302 2.60 5.14 -21.94
CA PRO A 302 2.72 6.58 -21.68
C PRO A 302 3.37 6.91 -20.32
N GLN A 303 3.80 8.15 -20.18
CA GLN A 303 4.43 8.61 -18.96
C GLN A 303 3.56 8.31 -17.73
N ILE A 304 4.22 7.99 -16.62
CA ILE A 304 3.45 7.61 -15.43
C ILE A 304 3.16 8.76 -14.49
N SER A 305 1.87 9.13 -14.38
CA SER A 305 1.43 10.22 -13.45
C SER A 305 1.33 9.62 -12.06
N GLU A 306 1.25 10.44 -11.01
CA GLU A 306 1.16 9.84 -9.70
C GLU A 306 -0.06 8.89 -9.60
N ALA A 307 -1.21 9.32 -10.13
CA ALA A 307 -2.45 8.46 -10.02
C ALA A 307 -2.24 7.16 -10.77
N ASP A 308 -1.60 7.21 -11.94
CA ASP A 308 -1.32 6.00 -12.72
C ASP A 308 -0.41 5.06 -11.95
N PHE A 309 0.65 5.63 -11.33
CA PHE A 309 1.60 4.83 -10.56
C PHE A 309 0.85 4.12 -9.40
N ARG A 310 0.02 4.87 -8.68
CA ARG A 310 -0.63 4.28 -7.53
C ARG A 310 -1.62 3.19 -8.00
N TRP A 311 -2.30 3.42 -9.13
CA TRP A 311 -3.20 2.38 -9.64
C TRP A 311 -2.42 1.12 -10.04
N LEU A 312 -1.31 1.29 -10.79
CA LEU A 312 -0.54 0.10 -11.24
C LEU A 312 0.03 -0.66 -10.09
N MET A 313 0.52 0.08 -9.08
CA MET A 313 1.04 -0.58 -7.84
C MET A 313 -0.11 -1.32 -7.10
N ASN A 314 -1.29 -0.71 -7.09
CA ASN A 314 -2.44 -1.35 -6.48
C ASN A 314 -2.86 -2.63 -7.16
N GLU A 315 -2.67 -2.71 -8.49
CA GLU A 315 -3.03 -3.91 -9.19
C GLU A 315 -2.10 -5.07 -8.88
N ASN A 316 -0.94 -4.75 -8.31
CA ASN A 316 0.11 -5.75 -8.05
C ASN A 316 0.14 -6.03 -6.56
N ALA A 317 -0.53 -7.11 -6.17
CA ALA A 317 -0.64 -7.48 -4.76
C ALA A 317 0.73 -7.75 -4.17
N MET A 318 1.58 -8.44 -4.92
CA MET A 318 2.92 -8.73 -4.42
C MET A 318 3.71 -7.42 -4.15
N ALA A 319 3.70 -6.51 -5.13
CA ALA A 319 4.47 -5.26 -4.97
C ALA A 319 3.97 -4.42 -3.87
N THR A 320 2.65 -4.32 -3.76
CA THR A 320 1.99 -3.56 -2.70
C THR A 320 2.46 -4.10 -1.29
N HIS A 321 2.43 -5.43 -1.13
CA HIS A 321 2.84 -6.01 0.10
C HIS A 321 4.33 -5.88 0.36
N LYS A 322 5.12 -6.21 -0.64
CA LYS A 322 6.58 -6.28 -0.51
C LYS A 322 7.22 -4.92 -0.31
N LEU A 323 6.72 -3.88 -1.01
CA LEU A 323 7.33 -2.54 -0.76
C LEU A 323 7.08 -2.10 0.68
N ALA A 324 5.84 -2.29 1.14
CA ALA A 324 5.48 -1.89 2.50
C ALA A 324 6.29 -2.74 3.53
N GLU A 325 6.41 -4.02 3.26
CA GLU A 325 7.16 -4.88 4.16
C GLU A 325 8.63 -4.47 4.27
N GLY A 326 9.23 -4.15 3.12
CA GLY A 326 10.68 -3.76 3.07
C GLY A 326 10.91 -2.51 3.94
N ILE A 327 9.97 -1.55 3.85
CA ILE A 327 10.10 -0.31 4.64
C ILE A 327 9.93 -0.65 6.09
N ARG A 328 8.98 -1.50 6.40
CA ARG A 328 8.80 -1.86 7.82
C ARG A 328 10.04 -2.58 8.40
N LEU A 329 10.66 -3.46 7.63
CA LEU A 329 11.81 -4.22 8.16
CA LEU A 329 11.83 -4.22 8.10
C LEU A 329 13.02 -3.29 8.31
N PHE A 330 13.29 -2.44 7.30
CA PHE A 330 14.38 -1.47 7.44
C PHE A 330 14.10 -0.56 8.65
N THR A 331 12.85 -0.17 8.85
CA THR A 331 12.52 0.72 9.99
C THR A 331 12.80 0.03 11.31
N LYS A 332 12.41 -1.25 11.41
CA LYS A 332 12.59 -2.03 12.66
C LYS A 332 14.09 -2.06 13.02
N ASP A 333 14.92 -2.28 12.03
CA ASP A 333 16.38 -2.30 12.27
C ASP A 333 16.99 -0.95 12.56
N THR A 334 16.43 0.11 11.97
CA THR A 334 16.91 1.50 12.22
C THR A 334 16.56 1.84 13.67
N ILE A 335 15.37 1.44 14.12
CA ILE A 335 14.96 1.73 15.51
C ILE A 335 15.84 0.93 16.48
N GLU A 336 16.13 -0.32 16.12
CA GLU A 336 16.96 -1.11 16.97
C GLU A 336 18.36 -0.44 17.14
N LEU A 337 18.92 0.07 16.04
CA LEU A 337 20.18 0.79 16.13
C LEU A 337 20.01 2.04 16.98
N GLU A 338 18.94 2.81 16.81
CA GLU A 338 18.68 4.03 17.65
CA GLU A 338 18.82 4.01 17.63
C GLU A 338 18.64 3.67 19.12
N ASN A 339 17.98 2.56 19.42
CA ASN A 339 17.88 2.12 20.80
C ASN A 339 19.25 1.77 21.41
N ILE A 340 20.12 1.12 20.61
CA ILE A 340 21.51 0.81 21.03
C ILE A 340 22.19 2.15 21.31
N ILE A 341 21.98 3.12 20.42
CA ILE A 341 22.58 4.47 20.63
C ILE A 341 22.14 5.09 21.96
N LYS A 342 20.81 5.12 22.16
CA LYS A 342 20.19 5.72 23.37
C LYS A 342 20.69 5.07 24.63
N GLN A 343 20.88 3.76 24.61
CA GLN A 343 21.36 3.14 25.87
C GLN A 343 22.83 3.41 26.15
N ASN A 344 23.48 4.14 25.25
CA ASN A 344 24.88 4.52 25.45
C ASN A 344 25.09 6.01 25.64
N LEU A 345 24.01 6.78 25.64
CA LEU A 345 24.11 8.21 25.86
C LEU A 345 24.34 8.53 27.34
N GLN B 26 -36.97 -12.48 25.32
CA GLN B 26 -38.02 -12.81 24.32
C GLN B 26 -38.19 -11.77 23.14
N LYS B 27 -37.64 -10.55 23.25
CA LYS B 27 -37.60 -9.69 22.03
C LYS B 27 -36.49 -10.30 21.21
N SER B 28 -36.55 -10.21 19.86
CA SER B 28 -35.47 -10.79 19.06
C SER B 28 -34.19 -9.97 19.21
N VAL B 29 -33.06 -10.59 18.91
CA VAL B 29 -31.80 -9.85 18.88
C VAL B 29 -31.89 -8.68 17.89
N LEU B 30 -32.55 -8.85 16.74
CA LEU B 30 -32.68 -7.72 15.80
C LEU B 30 -33.39 -6.51 16.44
N GLU B 31 -34.51 -6.77 17.11
CA GLU B 31 -35.32 -5.72 17.74
CA GLU B 31 -35.26 -5.66 17.67
C GLU B 31 -34.49 -5.01 18.81
N GLN B 32 -33.79 -5.80 19.63
CA GLN B 32 -32.98 -5.17 20.72
C GLN B 32 -31.83 -4.37 20.12
N LEU B 33 -31.24 -4.84 19.02
CA LEU B 33 -30.08 -4.14 18.45
C LEU B 33 -30.51 -2.76 17.91
N LYS B 34 -31.71 -2.71 17.38
CA LYS B 34 -32.20 -1.42 16.88
C LYS B 34 -32.37 -0.37 18.00
N GLN B 35 -32.52 -0.81 19.25
CA GLN B 35 -32.71 0.17 20.31
CA GLN B 35 -32.71 0.11 20.38
C GLN B 35 -31.43 0.87 20.71
N VAL B 36 -30.28 0.33 20.29
CA VAL B 36 -29.01 0.91 20.68
C VAL B 36 -28.05 1.21 19.56
N THR B 37 -28.45 0.87 18.34
CA THR B 37 -27.57 1.02 17.21
C THR B 37 -28.46 1.31 15.98
N MET B 38 -27.94 2.09 15.03
CA MET B 38 -28.64 2.32 13.78
C MET B 38 -28.41 1.06 12.93
N VAL B 39 -29.47 0.29 12.64
CA VAL B 39 -29.31 -0.92 11.84
C VAL B 39 -29.48 -0.50 10.35
N VAL B 40 -28.58 -1.00 9.53
CA VAL B 40 -28.50 -0.64 8.10
C VAL B 40 -28.46 -1.94 7.37
N ALA B 41 -29.11 -1.99 6.18
CA ALA B 41 -29.12 -3.25 5.43
C ALA B 41 -28.08 -3.12 4.31
N ASP B 42 -27.25 -4.14 4.16
CA ASP B 42 -26.22 -4.09 3.18
C ASP B 42 -26.66 -4.92 1.99
N THR B 43 -27.41 -4.31 1.09
CA THR B 43 -27.87 -5.05 -0.02
C THR B 43 -28.39 -4.14 -1.13
N GLY B 44 -28.31 -4.59 -2.37
CA GLY B 44 -28.97 -3.83 -3.47
C GLY B 44 -30.36 -4.48 -3.80
N ASP B 45 -30.71 -5.56 -3.07
CA ASP B 45 -31.94 -6.41 -3.37
C ASP B 45 -33.02 -5.73 -2.54
N PHE B 46 -33.56 -4.64 -3.09
CA PHE B 46 -34.48 -3.78 -2.33
C PHE B 46 -35.76 -4.46 -1.85
N GLU B 47 -36.17 -5.49 -2.57
CA GLU B 47 -37.34 -6.28 -2.15
C GLU B 47 -37.13 -7.00 -0.82
N LEU B 48 -35.89 -7.15 -0.40
CA LEU B 48 -35.59 -7.84 0.85
C LEU B 48 -35.61 -6.89 2.01
N ILE B 49 -35.50 -5.61 1.70
CA ILE B 49 -35.25 -4.61 2.76
C ILE B 49 -36.41 -4.36 3.74
N LYS B 50 -37.61 -4.19 3.22
CA LYS B 50 -38.75 -3.85 4.05
C LYS B 50 -39.04 -4.87 5.15
N LYS B 51 -38.65 -6.12 4.97
CA LYS B 51 -38.84 -7.14 6.02
C LYS B 51 -38.18 -6.63 7.33
N TYR B 52 -36.98 -6.11 7.16
CA TYR B 52 -36.10 -5.79 8.27
C TYR B 52 -36.19 -4.40 8.86
N LYS B 53 -36.91 -3.52 8.18
CA LYS B 53 -37.08 -2.15 8.58
C LYS B 53 -35.74 -1.54 9.09
N PRO B 54 -34.69 -1.57 8.27
CA PRO B 54 -33.46 -0.86 8.67
C PRO B 54 -33.68 0.66 8.50
N VAL B 55 -32.81 1.49 9.09
CA VAL B 55 -32.93 2.95 8.98
C VAL B 55 -32.33 3.33 7.60
N ASP B 56 -31.12 2.86 7.31
CA ASP B 56 -30.44 3.18 6.04
C ASP B 56 -30.13 1.91 5.33
N ALA B 57 -29.54 2.00 4.14
CA ALA B 57 -29.08 0.83 3.39
C ALA B 57 -27.77 1.19 2.66
N THR B 58 -26.96 0.17 2.39
CA THR B 58 -25.71 0.40 1.66
C THR B 58 -25.60 -0.55 0.50
N THR B 59 -25.12 0.01 -0.62
CA THR B 59 -24.77 -0.80 -1.76
C THR B 59 -23.29 -0.63 -2.05
N ASN B 60 -22.78 -1.52 -2.86
CA ASN B 60 -21.40 -1.42 -3.34
C ASN B 60 -21.39 -2.17 -4.69
N PRO B 61 -20.28 -2.13 -5.44
CA PRO B 61 -20.29 -2.74 -6.81
C PRO B 61 -20.55 -4.24 -6.80
N SER B 62 -20.15 -4.91 -5.75
CA SER B 62 -20.37 -6.39 -5.65
C SER B 62 -21.86 -6.66 -5.46
N LEU B 63 -22.49 -5.91 -4.55
CA LEU B 63 -23.93 -6.06 -4.30
C LEU B 63 -24.82 -5.65 -5.48
N ILE B 64 -24.42 -4.59 -6.20
CA ILE B 64 -25.17 -4.16 -7.41
C ILE B 64 -25.03 -5.27 -8.46
N LEU B 65 -23.80 -5.77 -8.63
CA LEU B 65 -23.60 -6.81 -9.61
C LEU B 65 -24.49 -8.01 -9.33
N LYS B 66 -24.57 -8.43 -8.07
CA LYS B 66 -25.34 -9.58 -7.66
C LYS B 66 -26.80 -9.38 -7.98
N ALA B 67 -27.32 -8.19 -7.66
CA ALA B 67 -28.71 -7.87 -7.92
C ALA B 67 -29.03 -7.93 -9.40
N VAL B 68 -28.10 -7.44 -10.22
CA VAL B 68 -28.27 -7.48 -11.64
C VAL B 68 -28.17 -8.94 -12.14
N LYS B 69 -27.17 -9.71 -11.73
CA LYS B 69 -27.05 -11.10 -12.20
C LYS B 69 -28.22 -12.01 -11.82
N GLU B 70 -28.78 -11.82 -10.62
CA GLU B 70 -29.89 -12.65 -10.12
C GLU B 70 -31.26 -12.42 -10.81
N GLN B 71 -31.33 -11.37 -11.62
CA GLN B 71 -32.48 -11.13 -12.55
C GLN B 71 -33.83 -10.68 -11.99
N LYS B 72 -33.99 -10.58 -10.66
CA LYS B 72 -35.30 -10.14 -10.13
C LYS B 72 -35.64 -8.74 -10.68
N TYR B 73 -34.60 -8.02 -11.06
CA TYR B 73 -34.76 -6.64 -11.48
C TYR B 73 -34.41 -6.42 -12.92
N SER B 74 -34.58 -7.43 -13.79
CA SER B 74 -34.19 -7.23 -15.22
C SER B 74 -34.98 -6.14 -15.96
N ASN B 75 -36.23 -5.87 -15.55
CA ASN B 75 -37.04 -4.80 -16.17
C ASN B 75 -36.43 -3.42 -15.88
N LEU B 76 -36.07 -3.19 -14.62
CA LEU B 76 -35.41 -1.97 -14.19
C LEU B 76 -34.12 -1.75 -14.98
N VAL B 77 -33.33 -2.79 -15.12
CA VAL B 77 -32.13 -2.67 -15.91
C VAL B 77 -32.42 -2.30 -17.37
N ALA B 78 -33.35 -3.00 -18.00
CA ALA B 78 -33.63 -2.73 -19.43
C ALA B 78 -34.14 -1.27 -19.65
N GLU B 79 -34.99 -0.84 -18.72
CA GLU B 79 -35.60 0.48 -18.79
C GLU B 79 -34.53 1.59 -18.57
N THR B 80 -33.58 1.33 -17.71
CA THR B 80 -32.47 2.26 -17.47
C THR B 80 -31.60 2.45 -18.72
N ILE B 81 -31.19 1.36 -19.37
CA ILE B 81 -30.46 1.42 -20.62
C ILE B 81 -31.19 2.25 -21.71
N SER B 82 -32.48 2.02 -21.89
CA SER B 82 -33.26 2.80 -22.89
C SER B 82 -33.24 4.30 -22.64
N LYS B 83 -33.44 4.66 -21.38
CA LYS B 83 -33.57 6.05 -20.97
C LYS B 83 -32.27 6.81 -21.18
N VAL B 84 -31.16 6.18 -20.79
CA VAL B 84 -29.86 6.81 -20.87
C VAL B 84 -29.50 6.97 -22.35
N LYS B 85 -29.76 5.96 -23.15
CA LYS B 85 -29.49 6.07 -24.61
C LYS B 85 -30.21 7.24 -25.21
N ALA B 86 -31.50 7.32 -24.90
CA ALA B 86 -32.38 8.35 -25.40
C ALA B 86 -31.90 9.74 -25.04
N ASN B 87 -31.44 9.92 -23.82
CA ASN B 87 -31.05 11.25 -23.34
C ASN B 87 -29.61 11.62 -23.62
N ASN B 88 -28.88 10.70 -24.25
CA ASN B 88 -27.49 10.95 -24.54
C ASN B 88 -27.06 10.54 -25.93
N PRO B 89 -27.60 11.20 -26.96
CA PRO B 89 -27.27 10.83 -28.34
C PRO B 89 -25.82 11.19 -28.75
N ASP B 90 -25.13 11.99 -27.93
CA ASP B 90 -23.76 12.41 -28.26
C ASP B 90 -22.67 11.46 -27.75
N LEU B 91 -23.04 10.50 -26.89
CA LEU B 91 -22.05 9.60 -26.32
C LEU B 91 -21.68 8.38 -27.16
N ASN B 92 -20.38 8.12 -27.30
CA ASN B 92 -19.93 6.94 -28.03
C ASN B 92 -20.17 5.74 -27.11
N SER B 93 -19.78 4.56 -27.56
CA SER B 93 -20.07 3.39 -26.80
C SER B 93 -19.54 3.36 -25.35
N ASP B 94 -18.24 3.61 -25.18
CA ASP B 94 -17.66 3.52 -23.81
C ASP B 94 -18.25 4.57 -22.89
N ASP B 95 -18.46 5.79 -23.41
CA ASP B 95 -19.03 6.88 -22.59
C ASP B 95 -20.48 6.61 -22.22
N LEU B 96 -21.20 6.01 -23.16
CA LEU B 96 -22.59 5.63 -22.94
C LEU B 96 -22.66 4.57 -21.82
N VAL B 97 -21.79 3.58 -21.89
CA VAL B 97 -21.76 2.54 -20.88
C VAL B 97 -21.47 3.08 -19.47
N LYS B 98 -20.51 4.01 -19.36
CA LYS B 98 -20.19 4.62 -18.07
C LYS B 98 -21.40 5.34 -17.51
N GLU B 99 -22.10 6.05 -18.38
CA GLU B 99 -23.31 6.78 -17.98
C GLU B 99 -24.46 5.84 -17.53
N ILE B 100 -24.67 4.75 -18.26
CA ILE B 100 -25.66 3.73 -17.84
C ILE B 100 -25.28 3.11 -16.50
N ALA B 101 -23.97 2.84 -16.31
CA ALA B 101 -23.54 2.25 -15.03
C ALA B 101 -23.89 3.18 -13.86
N ILE B 102 -23.69 4.49 -14.02
CA ILE B 102 -24.14 5.42 -12.98
C ILE B 102 -25.68 5.39 -12.80
N GLU B 103 -26.40 5.37 -13.94
CA GLU B 103 -27.89 5.39 -13.87
C GLU B 103 -28.46 4.13 -13.17
N ILE B 104 -27.77 2.99 -13.37
CA ILE B 104 -28.13 1.74 -12.70
C ILE B 104 -27.94 1.85 -11.20
N LEU B 105 -26.78 2.33 -10.79
CA LEU B 105 -26.51 2.54 -9.36
C LEU B 105 -27.59 3.44 -8.77
N VAL B 106 -27.91 4.53 -9.46
CA VAL B 106 -28.99 5.43 -8.99
C VAL B 106 -30.38 4.81 -9.01
N SER B 107 -30.71 4.03 -10.05
CA SER B 107 -32.03 3.38 -10.12
C SER B 107 -32.23 2.40 -9.00
N PHE B 108 -31.19 1.62 -8.65
CA PHE B 108 -31.31 0.76 -7.46
C PHE B 108 -31.47 1.59 -6.15
N GLY B 109 -30.70 2.66 -6.05
CA GLY B 109 -30.80 3.54 -4.86
C GLY B 109 -32.22 4.10 -4.72
N ILE B 110 -32.79 4.57 -5.82
CA ILE B 110 -34.12 5.13 -5.80
C ILE B 110 -35.19 4.11 -5.26
N LYS B 111 -35.09 2.88 -5.73
CA LYS B 111 -36.00 1.84 -5.30
CA LYS B 111 -35.99 1.84 -5.29
C LYS B 111 -35.80 1.54 -3.80
N ILE B 112 -34.54 1.61 -3.36
CA ILE B 112 -34.22 1.38 -1.93
C ILE B 112 -34.84 2.50 -1.13
N LEU B 113 -34.69 3.72 -1.60
CA LEU B 113 -35.21 4.90 -0.85
C LEU B 113 -36.72 4.84 -0.68
N ASP B 114 -37.39 4.12 -1.57
CA ASP B 114 -38.84 3.96 -1.41
C ASP B 114 -39.23 3.10 -0.25
N VAL B 115 -38.31 2.27 0.24
CA VAL B 115 -38.63 1.29 1.29
C VAL B 115 -37.88 1.53 2.58
N ILE B 116 -37.12 2.62 2.63
CA ILE B 116 -36.49 3.06 3.90
C ILE B 116 -36.79 4.53 4.17
N GLU B 117 -36.62 4.95 5.42
CA GLU B 117 -36.81 6.32 5.77
C GLU B 117 -35.48 7.08 5.70
N GLY B 118 -34.34 6.37 5.78
CA GLY B 118 -33.08 7.06 5.85
C GLY B 118 -32.33 7.17 4.53
N LYS B 119 -31.03 6.95 4.58
CA LYS B 119 -30.20 7.20 3.38
C LYS B 119 -29.75 5.94 2.73
N VAL B 120 -29.38 6.07 1.46
CA VAL B 120 -28.73 4.94 0.73
C VAL B 120 -27.28 5.36 0.37
N SER B 121 -26.33 4.42 0.44
CA SER B 121 -24.96 4.67 0.03
C SER B 121 -24.77 4.10 -1.37
N SER B 122 -24.19 4.91 -2.24
CA SER B 122 -23.92 4.55 -3.63
C SER B 122 -22.43 4.77 -3.87
N GLU B 123 -21.74 3.78 -4.41
CA GLU B 123 -20.26 3.89 -4.47
C GLU B 123 -19.70 4.36 -5.79
N VAL B 124 -18.74 5.27 -5.73
CA VAL B 124 -18.04 5.77 -6.95
C VAL B 124 -17.27 4.58 -7.61
N ASP B 125 -16.98 4.72 -8.89
CA ASP B 125 -16.27 3.67 -9.60
C ASP B 125 -14.90 3.45 -8.92
N ALA B 126 -14.61 2.22 -8.49
CA ALA B 126 -13.38 1.98 -7.73
C ALA B 126 -12.12 2.29 -8.51
N ARG B 127 -12.23 2.32 -9.83
CA ARG B 127 -11.09 2.65 -10.67
C ARG B 127 -10.56 4.08 -10.49
N VAL B 128 -11.34 4.96 -9.88
CA VAL B 128 -10.85 6.34 -9.65
C VAL B 128 -10.36 6.51 -8.20
N SER B 129 -10.07 5.40 -7.51
CA SER B 129 -9.75 5.49 -6.06
C SER B 129 -8.45 6.23 -5.75
N PHE B 130 -7.59 6.40 -6.75
CA PHE B 130 -6.30 7.14 -6.50
C PHE B 130 -6.31 8.47 -7.21
N ASN B 131 -7.50 8.98 -7.52
CA ASN B 131 -7.54 10.26 -8.21
C ASN B 131 -8.57 11.13 -7.54
N SER B 132 -8.16 12.11 -6.75
CA SER B 132 -9.17 12.92 -6.03
C SER B 132 -10.09 13.68 -6.98
N ALA B 133 -9.54 14.26 -8.04
CA ALA B 133 -10.34 15.08 -8.92
C ALA B 133 -11.46 14.23 -9.62
N THR B 134 -11.09 13.07 -10.12
CA THR B 134 -12.09 12.21 -10.80
CA THR B 134 -12.07 12.19 -10.79
C THR B 134 -13.09 11.63 -9.79
N THR B 135 -12.62 11.41 -8.55
CA THR B 135 -13.54 10.94 -7.49
C THR B 135 -14.60 12.06 -7.25
N ILE B 136 -14.14 13.29 -7.13
CA ILE B 136 -15.05 14.44 -6.90
C ILE B 136 -16.05 14.52 -8.04
N ASP B 137 -15.55 14.44 -9.27
CA ASP B 137 -16.44 14.53 -10.42
C ASP B 137 -17.47 13.37 -10.44
N TYR B 138 -17.06 12.14 -10.14
CA TYR B 138 -17.98 10.98 -10.16
C TYR B 138 -19.01 11.13 -9.07
N ALA B 139 -18.59 11.56 -7.87
CA ALA B 139 -19.47 11.74 -6.76
C ALA B 139 -20.53 12.78 -7.19
N LYS B 140 -20.11 13.89 -7.77
CA LYS B 140 -21.07 14.94 -8.14
C LYS B 140 -21.98 14.42 -9.22
N ARG B 141 -21.48 13.56 -10.07
CA ARG B 141 -22.36 13.01 -11.11
C ARG B 141 -23.45 12.14 -10.51
N ILE B 142 -23.11 11.31 -9.51
CA ILE B 142 -24.11 10.45 -8.85
C ILE B 142 -25.17 11.37 -8.24
N ILE B 143 -24.71 12.35 -7.51
CA ILE B 143 -25.68 13.31 -6.88
C ILE B 143 -26.57 13.98 -7.90
N ALA B 144 -26.00 14.39 -9.04
CA ALA B 144 -26.81 15.06 -10.04
C ALA B 144 -27.86 14.13 -10.61
N ARG B 145 -27.50 12.86 -10.79
CA ARG B 145 -28.46 11.91 -11.35
C ARG B 145 -29.59 11.65 -10.33
N TYR B 146 -29.24 11.53 -9.06
CA TYR B 146 -30.34 11.43 -8.05
C TYR B 146 -31.25 12.68 -8.09
N GLU B 147 -30.64 13.87 -8.17
CA GLU B 147 -31.39 15.14 -8.21
CA GLU B 147 -31.37 15.17 -8.23
C GLU B 147 -32.28 15.18 -9.44
N SER B 148 -31.75 14.71 -10.56
CA SER B 148 -32.54 14.73 -11.81
CA SER B 148 -32.54 14.70 -11.80
C SER B 148 -33.76 13.82 -11.64
N ASN B 149 -33.62 12.78 -10.83
CA ASN B 149 -34.70 11.85 -10.58
C ASN B 149 -35.55 12.24 -9.38
N GLY B 150 -35.41 13.47 -8.90
CA GLY B 150 -36.19 13.94 -7.77
C GLY B 150 -35.78 13.52 -6.38
N ILE B 151 -34.57 13.01 -6.23
CA ILE B 151 -34.10 12.61 -4.91
C ILE B 151 -33.09 13.66 -4.43
N PRO B 152 -33.35 14.30 -3.28
CA PRO B 152 -32.40 15.35 -2.80
C PRO B 152 -31.18 14.69 -2.16
N LYS B 153 -30.05 15.43 -2.10
CA LYS B 153 -28.77 14.83 -1.68
C LYS B 153 -28.79 14.41 -0.19
N ASP B 154 -29.74 14.94 0.57
N ASP B 154 -29.75 14.92 0.58
CA ASP B 154 -29.80 14.54 1.99
CA ASP B 154 -29.81 14.51 2.03
C ASP B 154 -30.05 13.04 2.15
C ASP B 154 -30.32 13.07 2.22
N ARG B 155 -30.67 12.40 1.14
CA ARG B 155 -31.01 10.97 1.22
C ARG B 155 -29.88 10.05 0.76
N VAL B 156 -28.73 10.64 0.39
CA VAL B 156 -27.65 9.86 -0.22
C VAL B 156 -26.33 10.04 0.48
N LEU B 157 -25.55 8.93 0.56
CA LEU B 157 -24.15 8.96 1.01
C LEU B 157 -23.38 8.50 -0.24
N ILE B 158 -22.30 9.16 -0.57
CA ILE B 158 -21.45 8.68 -1.67
C ILE B 158 -20.34 7.88 -1.03
N LYS B 159 -20.21 6.63 -1.41
CA LYS B 159 -19.15 5.75 -0.85
C LYS B 159 -17.88 5.93 -1.65
N ILE B 160 -16.78 6.04 -0.92
CA ILE B 160 -15.46 6.34 -1.55
C ILE B 160 -14.48 5.48 -0.78
N ALA B 161 -13.61 4.78 -1.51
CA ALA B 161 -12.61 3.98 -0.75
C ALA B 161 -11.67 4.99 0.01
N ALA B 162 -11.34 4.62 1.25
CA ALA B 162 -10.52 5.45 2.09
C ALA B 162 -9.00 5.42 1.84
N THR B 163 -8.63 5.61 0.56
CA THR B 163 -7.24 5.92 0.28
C THR B 163 -7.07 7.42 0.67
N TRP B 164 -5.84 7.89 0.67
CA TRP B 164 -5.62 9.33 0.89
C TRP B 164 -6.39 10.17 -0.11
N GLU B 165 -6.30 9.81 -1.41
CA GLU B 165 -7.05 10.57 -2.39
C GLU B 165 -8.54 10.59 -2.15
N GLY B 166 -9.09 9.47 -1.68
CA GLY B 166 -10.54 9.37 -1.41
C GLY B 166 -10.92 10.31 -0.28
N ILE B 167 -10.05 10.33 0.74
CA ILE B 167 -10.29 11.20 1.90
C ILE B 167 -10.23 12.67 1.48
N LYS B 168 -9.25 12.98 0.63
CA LYS B 168 -9.08 14.37 0.18
C LYS B 168 -10.28 14.76 -0.67
N ALA B 169 -10.77 13.84 -1.53
CA ALA B 169 -11.97 14.14 -2.30
C ALA B 169 -13.15 14.37 -1.33
N ALA B 170 -13.31 13.46 -0.36
CA ALA B 170 -14.44 13.60 0.60
C ALA B 170 -14.38 14.89 1.36
N LYS B 171 -13.17 15.35 1.68
CA LYS B 171 -13.04 16.61 2.42
C LYS B 171 -13.74 17.73 1.62
N LEU B 172 -13.47 17.79 0.32
CA LEU B 172 -14.07 18.82 -0.51
C LEU B 172 -15.57 18.56 -0.69
N LEU B 173 -15.96 17.30 -0.91
CA LEU B 173 -17.42 17.02 -1.10
C LEU B 173 -18.22 17.41 0.12
N GLN B 174 -17.65 17.16 1.30
CA GLN B 174 -18.39 17.51 2.52
C GLN B 174 -18.52 19.03 2.61
N LYS B 175 -17.46 19.75 2.22
CA LYS B 175 -17.55 21.22 2.24
C LYS B 175 -18.65 21.70 1.34
N GLU B 176 -18.93 20.96 0.27
CA GLU B 176 -20.00 21.29 -0.67
C GLU B 176 -21.34 20.69 -0.29
N GLY B 177 -21.45 20.12 0.92
CA GLY B 177 -22.71 19.56 1.42
C GLY B 177 -23.12 18.20 0.90
N ILE B 178 -22.12 17.46 0.38
CA ILE B 178 -22.33 16.06 -0.05
C ILE B 178 -21.75 15.16 1.01
N ASN B 179 -22.62 14.36 1.65
CA ASN B 179 -22.17 13.44 2.70
C ASN B 179 -21.58 12.17 2.11
N CYS B 180 -20.47 11.72 2.71
CA CYS B 180 -19.69 10.61 2.21
C CYS B 180 -19.55 9.47 3.22
N ASN B 181 -19.51 8.29 2.66
CA ASN B 181 -19.32 7.08 3.40
C ASN B 181 -17.96 6.57 3.01
N LEU B 182 -16.99 6.69 3.88
CA LEU B 182 -15.60 6.29 3.61
C LEU B 182 -15.50 4.81 3.92
N THR B 183 -15.29 4.04 2.84
CA THR B 183 -15.38 2.61 2.96
C THR B 183 -13.99 1.97 2.86
N LEU B 184 -13.94 0.65 3.00
CA LEU B 184 -12.61 -0.06 3.04
C LEU B 184 -11.71 0.50 4.14
N ILE B 185 -12.29 0.72 5.33
CA ILE B 185 -11.51 1.17 6.50
C ILE B 185 -10.93 -0.04 7.21
N PHE B 186 -9.61 -0.01 7.43
CA PHE B 186 -8.94 -1.12 8.08
C PHE B 186 -8.03 -0.75 9.22
N ASP B 187 -7.79 0.55 9.38
CA ASP B 187 -6.84 1.00 10.36
C ASP B 187 -7.42 2.26 11.06
N LYS B 188 -7.08 2.42 12.31
CA LYS B 188 -7.61 3.48 13.16
C LYS B 188 -7.14 4.86 12.71
N ALA B 189 -5.91 4.96 12.21
CA ALA B 189 -5.34 6.24 11.85
C ALA B 189 -6.03 6.61 10.63
N GLN B 190 -6.33 5.61 9.83
CA GLN B 190 -7.04 5.84 8.64
C GLN B 190 -8.47 6.46 8.98
N ALA B 191 -9.15 5.84 9.93
CA ALA B 191 -10.45 6.39 10.41
C ALA B 191 -10.30 7.79 11.01
N LYS B 192 -9.20 8.03 11.72
CA LYS B 192 -8.99 9.37 12.33
C LYS B 192 -8.82 10.43 11.24
N ALA B 193 -8.10 10.10 10.15
CA ALA B 193 -7.94 11.09 9.08
C ALA B 193 -9.32 11.42 8.46
N CYS B 194 -10.20 10.41 8.31
CA CYS B 194 -11.54 10.68 7.78
C CYS B 194 -12.31 11.67 8.64
N ALA B 195 -12.26 11.44 9.95
CA ALA B 195 -12.97 12.29 10.91
C ALA B 195 -12.39 13.67 10.86
N GLU B 196 -11.08 13.78 10.75
CA GLU B 196 -10.42 15.04 10.65
C GLU B 196 -10.87 15.79 9.38
N ALA B 197 -11.33 15.03 8.35
CA ALA B 197 -11.76 15.66 7.11
C ALA B 197 -13.24 15.98 7.13
N GLY B 198 -13.90 15.71 8.24
CA GLY B 198 -15.33 16.06 8.32
C GLY B 198 -16.26 15.12 7.62
N VAL B 199 -15.82 13.88 7.46
CA VAL B 199 -16.61 12.87 6.79
C VAL B 199 -17.80 12.49 7.59
N TYR B 200 -18.91 12.26 6.90
CA TYR B 200 -20.15 11.88 7.58
C TYR B 200 -20.11 10.52 8.30
N LEU B 201 -19.51 9.53 7.65
CA LEU B 201 -19.51 8.19 8.21
C LEU B 201 -18.32 7.39 7.65
N VAL B 202 -17.86 6.43 8.48
CA VAL B 202 -16.80 5.53 8.05
C VAL B 202 -17.29 4.09 8.24
N SER B 203 -16.80 3.19 7.38
CA SER B 203 -17.21 1.81 7.47
C SER B 203 -16.01 0.85 7.62
N PRO B 204 -15.67 0.47 8.86
CA PRO B 204 -14.58 -0.58 9.08
C PRO B 204 -15.03 -1.95 8.64
N PHE B 205 -14.20 -2.67 7.91
CA PHE B 205 -14.62 -3.97 7.36
C PHE B 205 -14.24 -5.14 8.29
N VAL B 206 -15.09 -5.36 9.33
CA VAL B 206 -14.86 -6.32 10.40
C VAL B 206 -14.49 -7.69 9.90
N GLY B 207 -15.31 -8.26 8.99
CA GLY B 207 -15.01 -9.62 8.58
C GLY B 207 -13.73 -9.80 7.80
N ARG B 208 -13.31 -8.81 6.99
CA ARG B 208 -12.11 -8.97 6.23
C ARG B 208 -10.87 -8.84 7.10
N ILE B 209 -10.98 -8.04 8.16
CA ILE B 209 -9.85 -7.92 9.16
C ILE B 209 -9.74 -9.29 9.83
N THR B 210 -10.88 -9.90 10.21
CA THR B 210 -10.76 -11.20 10.82
C THR B 210 -10.32 -12.27 9.81
N ASP B 211 -10.71 -12.16 8.53
CA ASP B 211 -10.21 -13.09 7.55
C ASP B 211 -8.66 -13.08 7.55
N TRP B 212 -8.05 -11.90 7.60
CA TRP B 212 -6.59 -11.84 7.63
C TRP B 212 -6.04 -12.52 8.82
N GLN B 213 -6.60 -12.23 9.98
CA GLN B 213 -6.17 -12.87 11.20
C GLN B 213 -6.22 -14.40 11.10
N MET B 214 -7.30 -14.92 10.53
CA MET B 214 -7.44 -16.39 10.42
C MET B 214 -6.45 -16.93 9.40
N GLN B 215 -6.32 -16.29 8.26
CA GLN B 215 -5.40 -16.70 7.22
C GLN B 215 -3.97 -16.72 7.76
N GLN B 216 -3.57 -15.74 8.59
CA GLN B 216 -2.18 -15.67 9.10
C GLN B 216 -1.74 -16.93 9.80
N ASN B 217 -2.67 -17.52 10.58
CA ASN B 217 -2.35 -18.75 11.30
C ASN B 217 -3.09 -19.99 10.89
N ASN B 218 -3.63 -19.96 9.67
CA ASN B 218 -4.39 -21.12 9.17
C ASN B 218 -5.43 -21.55 10.16
N LEU B 219 -6.15 -20.60 10.76
CA LEU B 219 -7.14 -20.94 11.77
C LEU B 219 -8.43 -21.35 11.02
N LYS B 220 -9.00 -22.45 11.47
CA LYS B 220 -10.21 -22.99 10.89
C LYS B 220 -11.45 -22.56 11.67
N THR B 221 -11.25 -22.11 12.92
CA THR B 221 -12.38 -21.62 13.68
C THR B 221 -12.18 -20.16 14.09
N PHE B 222 -13.29 -19.43 14.19
CA PHE B 222 -13.20 -18.02 14.50
C PHE B 222 -12.56 -17.77 15.84
N PRO B 223 -11.83 -16.67 15.98
CA PRO B 223 -11.28 -16.39 17.31
C PRO B 223 -12.36 -16.03 18.34
N ALA B 224 -12.02 -16.19 19.60
CA ALA B 224 -12.91 -15.76 20.66
C ALA B 224 -13.19 -14.28 20.35
N ILE B 225 -14.39 -13.79 20.63
CA ILE B 225 -14.72 -12.36 20.39
C ILE B 225 -13.74 -11.35 21.00
N ALA B 226 -13.25 -11.62 22.22
CA ALA B 226 -12.32 -10.71 22.83
C ALA B 226 -11.01 -10.60 22.01
N ASP B 227 -10.70 -11.62 21.23
CA ASP B 227 -9.46 -11.69 20.46
CA ASP B 227 -9.45 -11.63 20.46
C ASP B 227 -9.76 -11.53 18.98
N ASP B 228 -10.97 -11.09 18.62
CA ASP B 228 -11.32 -10.99 17.15
C ASP B 228 -10.81 -9.61 16.66
N ASP B 229 -9.80 -9.62 15.77
CA ASP B 229 -9.18 -8.33 15.35
C ASP B 229 -10.20 -7.36 14.72
N GLY B 230 -11.16 -7.89 13.96
CA GLY B 230 -12.14 -7.05 13.24
C GLY B 230 -13.06 -6.36 14.22
N VAL B 231 -13.50 -7.13 15.21
CA VAL B 231 -14.37 -6.54 16.25
C VAL B 231 -13.56 -5.51 16.99
N ASN B 232 -12.36 -5.90 17.36
CA ASN B 232 -11.49 -4.97 18.17
C ASN B 232 -11.20 -3.69 17.41
N SER B 233 -11.05 -3.78 16.11
CA SER B 233 -10.76 -2.60 15.35
C SER B 233 -11.90 -1.58 15.46
N VAL B 234 -13.15 -2.04 15.36
CA VAL B 234 -14.30 -1.15 15.46
C VAL B 234 -14.36 -0.61 16.86
N LYS B 235 -14.11 -1.47 17.84
CA LYS B 235 -14.09 -0.99 19.22
C LYS B 235 -13.11 0.16 19.45
N ALA B 236 -11.92 0.01 18.89
CA ALA B 236 -10.88 1.05 19.04
C ALA B 236 -11.27 2.38 18.34
N ILE B 237 -11.85 2.28 17.16
CA ILE B 237 -12.27 3.46 16.40
C ILE B 237 -13.39 4.15 17.16
N TYR B 238 -14.33 3.36 17.63
CA TYR B 238 -15.43 3.96 18.43
C TYR B 238 -14.91 4.69 19.66
N LYS B 239 -13.99 4.06 20.40
CA LYS B 239 -13.47 4.70 21.62
C LYS B 239 -12.75 6.00 21.28
N LEU B 240 -11.98 5.98 20.16
CA LEU B 240 -11.22 7.19 19.70
C LEU B 240 -12.24 8.28 19.37
N TYR B 241 -13.24 7.94 18.56
CA TYR B 241 -14.17 9.00 18.18
C TYR B 241 -14.88 9.62 19.38
N LYS B 242 -15.44 8.78 20.24
CA LYS B 242 -16.15 9.36 21.35
C LYS B 242 -15.27 10.17 22.29
N SER B 243 -14.08 9.68 22.59
CA SER B 243 -13.23 10.44 23.49
C SER B 243 -12.76 11.79 22.91
N HIS B 244 -12.61 11.84 21.59
CA HIS B 244 -12.08 13.07 20.94
C HIS B 244 -13.27 13.91 20.46
N GLY B 245 -14.49 13.42 20.59
CA GLY B 245 -15.65 14.25 20.18
C GLY B 245 -15.85 14.30 18.68
N PHE B 246 -15.28 13.36 17.94
CA PHE B 246 -15.53 13.37 16.48
C PHE B 246 -16.96 12.97 16.22
N LYS B 247 -17.62 13.67 15.28
CA LYS B 247 -19.05 13.42 15.01
CA LYS B 247 -19.05 13.37 15.02
C LYS B 247 -19.26 12.39 13.86
N THR B 248 -18.18 12.04 13.19
CA THR B 248 -18.29 11.02 12.11
C THR B 248 -18.94 9.73 12.73
N ILE B 249 -19.89 9.14 12.00
CA ILE B 249 -20.56 7.89 12.45
C ILE B 249 -19.62 6.71 12.16
N VAL B 250 -19.53 5.80 13.14
CA VAL B 250 -18.77 4.55 12.95
C VAL B 250 -19.76 3.46 12.58
N MET B 251 -19.63 2.90 11.38
CA MET B 251 -20.59 1.84 10.98
C MET B 251 -19.81 0.57 10.65
N GLY B 252 -19.83 -0.39 11.55
CA GLY B 252 -19.18 -1.68 11.26
C GLY B 252 -19.85 -2.29 10.03
N ALA B 253 -19.06 -2.94 9.19
CA ALA B 253 -19.51 -3.54 7.97
C ALA B 253 -18.85 -4.88 7.63
N SER B 254 -19.46 -5.59 6.68
CA SER B 254 -18.90 -6.82 6.10
C SER B 254 -18.57 -7.91 7.10
N PHE B 255 -19.60 -8.40 7.76
CA PHE B 255 -19.47 -9.38 8.79
C PHE B 255 -19.42 -10.78 8.30
N ARG B 256 -18.73 -11.62 9.06
CA ARG B 256 -18.69 -13.04 8.71
C ARG B 256 -19.75 -13.82 9.41
N ASN B 257 -20.10 -13.45 10.62
CA ASN B 257 -21.14 -14.22 11.28
C ASN B 257 -21.91 -13.34 12.22
N VAL B 258 -23.02 -13.85 12.74
CA VAL B 258 -23.84 -12.98 13.62
C VAL B 258 -23.16 -12.67 14.92
N GLU B 259 -22.26 -13.55 15.39
CA GLU B 259 -21.62 -13.21 16.68
C GLU B 259 -20.75 -11.91 16.56
N GLN B 260 -20.16 -11.65 15.38
CA GLN B 260 -19.37 -10.42 15.19
C GLN B 260 -20.31 -9.21 15.28
N VAL B 261 -21.51 -9.32 14.73
CA VAL B 261 -22.47 -8.19 14.79
C VAL B 261 -22.86 -7.95 16.23
N ILE B 262 -23.29 -9.04 16.89
CA ILE B 262 -23.72 -8.97 18.30
C ILE B 262 -22.66 -8.32 19.22
N ALA B 263 -21.38 -8.66 18.92
CA ALA B 263 -20.25 -8.19 19.67
C ALA B 263 -20.12 -6.65 19.62
N LEU B 264 -20.77 -6.04 18.62
CA LEU B 264 -20.62 -4.63 18.41
C LEU B 264 -21.91 -3.88 18.75
N ALA B 265 -22.84 -4.53 19.47
CA ALA B 265 -24.13 -3.86 19.83
C ALA B 265 -23.79 -2.60 20.58
N GLY B 266 -24.46 -1.50 20.24
CA GLY B 266 -24.14 -0.23 20.88
C GLY B 266 -23.32 0.68 19.96
N CYS B 267 -22.66 0.10 18.94
CA CYS B 267 -21.91 0.90 17.98
C CYS B 267 -22.88 1.91 17.32
N ASP B 268 -22.39 3.03 16.77
CA ASP B 268 -23.35 4.00 16.18
C ASP B 268 -24.29 3.36 15.16
N ALA B 269 -23.69 2.52 14.30
CA ALA B 269 -24.40 1.92 13.19
C ALA B 269 -23.72 0.65 12.83
N LEU B 270 -24.46 -0.32 12.26
CA LEU B 270 -23.89 -1.60 11.76
C LEU B 270 -24.65 -1.86 10.48
N THR B 271 -23.93 -2.16 9.41
CA THR B 271 -24.58 -2.48 8.16
C THR B 271 -24.41 -3.98 7.91
N ILE B 272 -25.56 -4.64 7.73
CA ILE B 272 -25.65 -6.11 7.84
C ILE B 272 -26.35 -6.74 6.63
N SER B 273 -25.79 -7.87 6.16
CA SER B 273 -26.37 -8.56 5.01
C SER B 273 -27.77 -9.06 5.37
N PRO B 274 -28.59 -9.26 4.33
CA PRO B 274 -29.95 -9.82 4.55
C PRO B 274 -29.85 -11.18 5.25
N VAL B 275 -28.83 -12.02 4.93
CA VAL B 275 -28.75 -13.37 5.61
C VAL B 275 -28.50 -13.17 7.14
N LEU B 276 -27.62 -12.24 7.49
CA LEU B 276 -27.40 -12.03 8.92
C LEU B 276 -28.53 -11.29 9.57
N LEU B 277 -29.18 -10.37 8.84
CA LEU B 277 -30.35 -9.72 9.44
C LEU B 277 -31.42 -10.77 9.81
N GLU B 278 -31.58 -11.78 8.93
CA GLU B 278 -32.53 -12.82 9.16
C GLU B 278 -32.11 -13.63 10.38
N GLU B 279 -30.80 -13.95 10.51
CA GLU B 279 -30.38 -14.67 11.72
C GLU B 279 -30.70 -13.86 12.97
N LEU B 280 -30.43 -12.54 12.92
CA LEU B 280 -30.72 -11.68 14.10
C LEU B 280 -32.20 -11.65 14.39
N LYS B 281 -33.03 -11.65 13.34
CA LYS B 281 -34.51 -11.63 13.51
C LYS B 281 -35.00 -12.90 14.19
N ASN B 282 -34.35 -14.03 13.93
CA ASN B 282 -34.80 -15.32 14.43
C ASN B 282 -34.16 -15.78 15.71
N ARG B 283 -33.35 -14.92 16.30
CA ARG B 283 -32.64 -15.26 17.50
C ARG B 283 -33.31 -14.51 18.66
N ASP B 284 -33.73 -15.20 19.71
CA ASP B 284 -34.47 -14.55 20.82
C ASP B 284 -33.72 -14.31 22.15
N GLU B 285 -32.39 -14.41 22.16
CA GLU B 285 -31.72 -14.23 23.43
C GLU B 285 -31.47 -12.77 23.83
N HIS B 286 -31.14 -12.59 25.09
CA HIS B 286 -30.75 -11.28 25.58
C HIS B 286 -29.51 -10.74 24.85
N LEU B 287 -29.58 -9.50 24.38
CA LEU B 287 -28.45 -8.87 23.71
C LEU B 287 -27.68 -7.99 24.70
N GLU B 288 -26.45 -8.36 25.02
CA GLU B 288 -25.62 -7.50 25.92
C GLU B 288 -25.05 -6.33 25.12
N VAL B 289 -25.24 -5.12 25.62
CA VAL B 289 -24.78 -3.95 24.93
C VAL B 289 -23.36 -3.71 25.37
N LYS B 290 -22.46 -3.71 24.40
CA LYS B 290 -21.03 -3.70 24.65
C LYS B 290 -20.33 -2.33 24.49
N LEU B 291 -20.83 -1.54 23.56
CA LEU B 291 -20.23 -0.25 23.27
C LEU B 291 -21.15 0.87 23.79
N THR B 292 -20.61 1.82 24.57
CA THR B 292 -21.49 2.90 25.05
C THR B 292 -20.85 4.30 24.89
N GLN B 303 -2.71 17.29 13.56
CA GLN B 303 -3.61 16.51 12.72
C GLN B 303 -2.78 15.67 11.74
N ILE B 304 -3.43 14.73 11.10
CA ILE B 304 -2.69 13.76 10.29
C ILE B 304 -2.39 14.33 8.90
N SER B 305 -1.10 14.50 8.58
CA SER B 305 -0.75 14.98 7.24
C SER B 305 -0.79 13.80 6.23
N GLU B 306 -0.62 14.08 4.95
CA GLU B 306 -0.59 12.96 4.01
C GLU B 306 0.56 12.02 4.34
N ALA B 307 1.73 12.60 4.65
CA ALA B 307 2.90 11.76 4.91
C ALA B 307 2.65 10.92 6.16
N ASP B 308 2.00 11.50 7.18
CA ASP B 308 1.70 10.77 8.39
C ASP B 308 0.76 9.60 8.09
N PHE B 309 -0.23 9.86 7.23
CA PHE B 309 -1.28 8.89 6.94
C PHE B 309 -0.63 7.73 6.20
N ARG B 310 0.19 8.03 5.19
CA ARG B 310 0.76 6.93 4.44
C ARG B 310 1.75 6.10 5.29
N TRP B 311 2.46 6.76 6.19
CA TRP B 311 3.36 6.06 7.09
C TRP B 311 2.55 5.12 7.99
N LEU B 312 1.49 5.63 8.60
CA LEU B 312 0.69 4.82 9.49
C LEU B 312 0.01 3.63 8.76
N MET B 313 -0.44 3.86 7.54
CA MET B 313 -0.98 2.73 6.77
C MET B 313 0.11 1.72 6.50
N ASN B 314 1.30 2.20 6.23
CA ASN B 314 2.37 1.29 5.84
C ASN B 314 2.75 0.40 7.01
N GLU B 315 2.62 0.93 8.23
CA GLU B 315 2.92 0.14 9.42
C GLU B 315 1.93 -1.01 9.66
N ASN B 316 0.78 -1.00 8.97
CA ASN B 316 -0.26 -1.98 9.13
C ASN B 316 -0.30 -2.90 7.90
N ALA B 317 0.33 -4.08 8.02
CA ALA B 317 0.43 -4.98 6.88
C ALA B 317 -0.97 -5.41 6.44
N MET B 318 -1.84 -5.68 7.42
CA MET B 318 -3.20 -6.13 7.04
C MET B 318 -3.93 -5.03 6.27
N ALA B 319 -3.82 -3.79 6.75
CA ALA B 319 -4.56 -2.68 6.15
C ALA B 319 -4.03 -2.38 4.78
N THR B 320 -2.72 -2.41 4.65
CA THR B 320 -2.10 -2.20 3.35
C THR B 320 -2.60 -3.21 2.31
N HIS B 321 -2.64 -4.45 2.70
CA HIS B 321 -3.07 -5.49 1.77
C HIS B 321 -4.57 -5.36 1.50
N LYS B 322 -5.36 -5.26 2.58
CA LYS B 322 -6.85 -5.32 2.43
C LYS B 322 -7.47 -4.10 1.70
N LEU B 323 -6.91 -2.92 1.92
CA LEU B 323 -7.40 -1.75 1.16
C LEU B 323 -7.16 -1.98 -0.34
N ALA B 324 -5.95 -2.43 -0.69
CA ALA B 324 -5.60 -2.63 -2.08
C ALA B 324 -6.47 -3.70 -2.66
N GLU B 325 -6.58 -4.80 -1.96
CA GLU B 325 -7.41 -5.94 -2.41
C GLU B 325 -8.89 -5.51 -2.63
N GLY B 326 -9.42 -4.73 -1.68
CA GLY B 326 -10.85 -4.27 -1.74
C GLY B 326 -11.08 -3.49 -3.05
N ILE B 327 -10.14 -2.59 -3.38
CA ILE B 327 -10.25 -1.80 -4.61
C ILE B 327 -10.19 -2.76 -5.81
N ARG B 328 -9.26 -3.72 -5.80
CA ARG B 328 -9.19 -4.66 -6.93
C ARG B 328 -10.47 -5.48 -7.08
N LEU B 329 -11.03 -5.94 -5.98
CA LEU B 329 -12.24 -6.79 -6.11
C LEU B 329 -13.46 -6.00 -6.58
N PHE B 330 -13.61 -4.76 -6.08
CA PHE B 330 -14.75 -3.93 -6.47
C PHE B 330 -14.52 -3.56 -7.94
N THR B 331 -13.26 -3.38 -8.33
CA THR B 331 -12.97 -3.09 -9.74
C THR B 331 -13.44 -4.24 -10.66
N LYS B 332 -13.13 -5.48 -10.27
CA LYS B 332 -13.53 -6.65 -11.07
CA LYS B 332 -13.53 -6.68 -11.02
C LYS B 332 -15.05 -6.68 -11.23
N ASP B 333 -15.78 -6.45 -10.15
CA ASP B 333 -17.24 -6.41 -10.22
C ASP B 333 -17.82 -5.27 -11.05
N THR B 334 -17.17 -4.10 -11.06
CA THR B 334 -17.65 -2.98 -11.83
C THR B 334 -17.40 -3.31 -13.32
N ILE B 335 -16.28 -3.95 -13.61
CA ILE B 335 -15.97 -4.32 -15.02
C ILE B 335 -17.01 -5.38 -15.50
N GLU B 336 -17.32 -6.31 -14.61
CA GLU B 336 -18.29 -7.35 -15.01
C GLU B 336 -19.64 -6.65 -15.27
N LEU B 337 -20.06 -5.71 -14.41
CA LEU B 337 -21.34 -5.00 -14.66
C LEU B 337 -21.30 -4.27 -16.01
N GLU B 338 -20.17 -3.66 -16.33
CA GLU B 338 -20.05 -2.95 -17.64
C GLU B 338 -20.22 -3.92 -18.74
N ASN B 339 -19.65 -5.12 -18.59
CA ASN B 339 -19.81 -6.11 -19.66
C ASN B 339 -21.29 -6.50 -19.88
N ILE B 340 -22.04 -6.63 -18.78
CA ILE B 340 -23.48 -6.96 -18.83
C ILE B 340 -24.21 -5.81 -19.50
N ILE B 341 -23.82 -4.58 -19.18
CA ILE B 341 -24.46 -3.44 -19.86
C ILE B 341 -24.17 -3.53 -21.35
N LYS B 342 -22.90 -3.77 -21.67
CA LYS B 342 -22.50 -3.84 -23.12
C LYS B 342 -23.28 -4.87 -23.90
N GLN B 343 -23.58 -5.97 -23.22
CA GLN B 343 -24.32 -7.06 -23.84
C GLN B 343 -25.80 -6.76 -24.07
N ASN B 344 -26.32 -5.76 -23.38
CA ASN B 344 -27.71 -5.36 -23.44
C ASN B 344 -27.96 -4.04 -24.14
N LEU B 345 -26.95 -3.46 -24.80
CA LEU B 345 -27.15 -2.22 -25.58
C LEU B 345 -27.95 -2.47 -26.86
MG MG C . 39.19 6.83 -7.36
C ACT D . -17.42 -9.46 2.58
O ACT D . -18.21 -9.42 3.53
OXT ACT D . -16.20 -9.43 2.83
CH3 ACT D . -17.94 -9.51 1.14
#